data_3E11
#
_entry.id   3E11
#
_cell.length_a   39.030
_cell.length_b   58.820
_cell.length_c   46.930
_cell.angle_alpha   90.000
_cell.angle_beta   93.510
_cell.angle_gamma   90.000
#
_symmetry.space_group_name_H-M   'P 1 21 1'
#
loop_
_entity.id
_entity.type
_entity.pdbx_description
1 polymer 'predicted zincin-like metalloprotease'
2 non-polymer 'ACETATE ION'
3 non-polymer 'CALCIUM ION'
4 water water
#
_entity_poly.entity_id   1
_entity_poly.type   'polypeptide(L)'
_entity_poly.pdbx_seq_one_letter_code
;G(MSE)VYVDPDRFDELVAEALDGIPEEFARA(MSE)RNVAVFVEDEPDDPELLGLYVGIPLTERTTAYGGVLPDRIIIY
RNTICALCETESEVIDEVRKTVVHEIAHHFGIDDERLHELGY
;
_entity_poly.pdbx_strand_id   A,B
#
# COMPACT_ATOMS: atom_id res chain seq x y z
N GLY A 1 18.33 -23.11 15.31
CA GLY A 1 18.69 -22.79 13.91
C GLY A 1 18.17 -21.43 13.52
N VAL A 3 17.03 -19.07 9.78
CA VAL A 3 16.68 -19.07 8.37
C VAL A 3 17.37 -17.90 7.69
N TYR A 4 17.91 -18.16 6.52
CA TYR A 4 18.52 -17.12 5.70
C TYR A 4 17.45 -16.60 4.74
N VAL A 5 17.37 -15.29 4.65
CA VAL A 5 16.48 -14.62 3.74
C VAL A 5 17.26 -13.55 3.01
N ASP A 6 17.36 -13.70 1.69
CA ASP A 6 18.01 -12.67 0.84
C ASP A 6 17.20 -11.37 0.86
N PRO A 7 17.84 -10.24 0.55
CA PRO A 7 17.16 -8.92 0.66
C PRO A 7 15.82 -8.81 -0.09
N ASP A 8 15.79 -9.21 -1.37
CA ASP A 8 14.54 -9.09 -2.15
C ASP A 8 13.44 -9.91 -1.50
N ARG A 9 13.76 -11.14 -1.07
CA ARG A 9 12.75 -11.98 -0.41
C ARG A 9 12.29 -11.38 0.91
N PHE A 10 13.25 -10.80 1.65
CA PHE A 10 12.90 -10.22 2.93
C PHE A 10 11.89 -9.10 2.73
N ASP A 11 12.08 -8.29 1.68
CA ASP A 11 11.10 -7.26 1.32
C ASP A 11 9.68 -7.80 1.12
N GLU A 12 9.58 -8.95 0.49
CA GLU A 12 8.31 -9.63 0.30
C GLU A 12 7.69 -10.09 1.60
N LEU A 13 8.51 -10.62 2.48
CA LEU A 13 8.08 -10.98 3.84
C LEU A 13 7.62 -9.74 4.65
N VAL A 14 8.31 -8.61 4.50
CA VAL A 14 7.84 -7.37 5.10
C VAL A 14 6.44 -6.96 4.59
N ALA A 15 6.22 -7.08 3.28
CA ALA A 15 4.93 -6.74 2.70
C ALA A 15 3.85 -7.64 3.31
N GLU A 16 4.14 -8.93 3.44
CA GLU A 16 3.17 -9.88 4.03
CA GLU A 16 3.16 -9.87 4.01
C GLU A 16 2.92 -9.55 5.49
N ALA A 17 3.96 -9.12 6.21
CA ALA A 17 3.83 -8.69 7.61
C ALA A 17 2.87 -7.49 7.68
N LEU A 18 3.06 -6.49 6.81
CA LEU A 18 2.25 -5.28 6.86
CA LEU A 18 2.26 -5.28 6.85
C LEU A 18 0.80 -5.59 6.48
N ASP A 19 0.63 -6.45 5.47
CA ASP A 19 -0.71 -6.82 5.02
C ASP A 19 -1.51 -7.48 6.16
N GLY A 20 -0.83 -8.13 7.10
CA GLY A 20 -1.47 -8.82 8.20
C GLY A 20 -1.56 -8.01 9.50
N ILE A 21 -1.13 -6.74 9.46
CA ILE A 21 -1.32 -5.90 10.62
C ILE A 21 -2.81 -5.77 10.94
N PRO A 22 -3.19 -6.03 12.18
CA PRO A 22 -4.61 -5.90 12.52
C PRO A 22 -5.18 -4.51 12.28
N GLU A 23 -6.45 -4.48 11.87
CA GLU A 23 -7.13 -3.25 11.49
C GLU A 23 -7.12 -2.23 12.61
N GLU A 24 -7.04 -2.64 13.88
CA GLU A 24 -7.03 -1.66 14.97
C GLU A 24 -5.76 -0.76 14.95
N PHE A 25 -4.70 -1.20 14.27
CA PHE A 25 -3.46 -0.43 14.14
C PHE A 25 -3.33 0.31 12.78
N ALA A 26 -4.29 0.13 11.90
CA ALA A 26 -4.16 0.60 10.51
C ALA A 26 -4.05 2.11 10.50
N ARG A 27 -4.97 2.78 11.18
CA ARG A 27 -4.95 4.24 11.22
C ARG A 27 -3.67 4.74 11.90
N ALA A 28 -3.22 4.06 12.95
CA ALA A 28 -1.94 4.44 13.61
C ALA A 28 -0.73 4.39 12.67
N ARG A 30 -0.83 5.17 9.52
CA ARG A 30 -0.96 6.14 8.45
C ARG A 30 0.35 6.87 8.18
N ASN A 31 0.75 6.89 6.91
CA ASN A 31 1.95 7.60 6.49
C ASN A 31 3.20 7.23 7.28
N VAL A 32 3.32 5.93 7.54
CA VAL A 32 4.52 5.31 8.07
C VAL A 32 5.00 4.31 7.04
N ALA A 33 6.28 4.40 6.74
CA ALA A 33 6.95 3.51 5.79
C ALA A 33 7.92 2.62 6.53
N VAL A 34 8.01 1.39 6.07
CA VAL A 34 8.87 0.41 6.68
C VAL A 34 10.05 0.25 5.71
N PHE A 35 11.24 0.41 6.24
CA PHE A 35 12.47 0.25 5.50
C PHE A 35 13.31 -0.81 6.20
N VAL A 36 14.05 -1.57 5.40
CA VAL A 36 14.86 -2.64 5.91
C VAL A 36 16.35 -2.26 5.82
N GLU A 37 17.05 -2.54 6.92
CA GLU A 37 18.49 -2.43 7.01
C GLU A 37 19.03 -3.76 7.49
N ASP A 38 20.30 -4.03 7.24
CA ASP A 38 20.81 -5.37 7.63
C ASP A 38 21.08 -5.43 9.14
N GLU A 39 21.70 -4.40 9.67
CA GLU A 39 22.26 -4.46 11.00
C GLU A 39 22.05 -3.10 11.72
N PRO A 40 21.56 -3.11 12.98
CA PRO A 40 21.39 -1.86 13.73
C PRO A 40 22.68 -1.31 14.30
N ASP A 41 22.74 -0.01 14.58
CA ASP A 41 23.90 0.54 15.31
C ASP A 41 24.00 -0.18 16.69
N ASP A 42 22.85 -0.53 17.29
CA ASP A 42 22.76 -1.27 18.59
C ASP A 42 22.33 -2.71 18.38
N PRO A 43 23.19 -3.69 18.73
CA PRO A 43 22.93 -5.10 18.33
C PRO A 43 21.63 -5.73 18.85
N GLU A 44 21.06 -5.16 19.91
CA GLU A 44 19.84 -5.71 20.48
C GLU A 44 18.54 -5.37 19.70
N LEU A 45 18.59 -4.43 18.75
CA LEU A 45 17.34 -3.93 18.14
C LEU A 45 16.85 -4.82 17.01
N LEU A 46 15.52 -5.01 16.95
CA LEU A 46 14.86 -5.61 15.77
C LEU A 46 14.25 -4.53 14.87
N GLY A 47 13.97 -3.38 15.46
CA GLY A 47 13.39 -2.28 14.74
C GLY A 47 13.62 -0.97 15.45
N LEU A 48 13.30 0.12 14.74
CA LEU A 48 13.51 1.48 15.29
C LEU A 48 12.54 2.46 14.65
N TYR A 49 11.85 3.26 15.45
CA TYR A 49 10.93 4.24 14.92
C TYR A 49 11.72 5.52 14.70
N VAL A 50 11.60 6.07 13.50
CA VAL A 50 12.26 7.32 13.13
C VAL A 50 11.18 8.34 12.75
N GLY A 51 11.01 9.32 13.62
CA GLY A 51 10.11 10.46 13.40
C GLY A 51 10.77 11.54 12.61
N ILE A 52 10.10 12.00 11.56
CA ILE A 52 10.64 13.03 10.66
CA ILE A 52 10.69 13.00 10.69
C ILE A 52 10.38 14.41 11.25
N PRO A 53 11.42 15.29 11.32
CA PRO A 53 11.22 16.68 11.81
C PRO A 53 10.19 17.40 10.96
N LEU A 54 9.53 18.39 11.54
CA LEU A 54 8.49 19.14 10.85
C LEU A 54 9.07 19.82 9.59
N THR A 55 10.29 20.33 9.71
CA THR A 55 11.05 20.92 8.61
C THR A 55 11.25 20.02 7.40
N GLU A 56 11.27 18.72 7.63
CA GLU A 56 11.60 17.75 6.60
C GLU A 56 10.36 16.99 6.19
N ARG A 57 9.22 17.39 6.75
CA ARG A 57 7.96 16.64 6.59
C ARG A 57 7.38 16.78 5.19
N THR A 58 7.59 17.94 4.56
CA THR A 58 7.03 18.19 3.24
C THR A 58 8.07 18.52 2.19
N THR A 59 7.68 18.36 0.93
CA THR A 59 8.59 18.46 -0.20
C THR A 59 8.30 19.75 -0.92
N ALA A 60 9.20 20.12 -1.83
CA ALA A 60 9.02 21.32 -2.65
C ALA A 60 7.66 21.30 -3.37
N TYR A 61 7.24 20.09 -3.75
CA TYR A 61 6.09 19.88 -4.60
C TYR A 61 4.80 19.48 -3.83
N GLY A 62 4.75 19.77 -2.53
CA GLY A 62 3.58 19.45 -1.71
C GLY A 62 3.51 18.05 -1.09
N GLY A 63 4.44 17.17 -1.45
CA GLY A 63 4.45 15.80 -0.92
C GLY A 63 4.63 15.79 0.59
N VAL A 64 3.95 14.87 1.27
CA VAL A 64 4.22 14.64 2.68
C VAL A 64 5.08 13.42 2.74
N LEU A 65 6.13 13.47 3.54
CA LEU A 65 7.01 12.34 3.69
C LEU A 65 6.58 11.54 4.93
N PRO A 66 6.73 10.21 4.89
CA PRO A 66 6.31 9.36 6.02
C PRO A 66 7.37 9.29 7.10
N ASP A 67 6.94 9.12 8.34
CA ASP A 67 7.80 8.56 9.38
C ASP A 67 8.29 7.18 8.93
N ARG A 68 9.37 6.71 9.55
CA ARG A 68 9.95 5.43 9.14
C ARG A 68 9.95 4.47 10.32
N ILE A 69 9.66 3.20 10.07
CA ILE A 69 10.01 2.15 10.99
C ILE A 69 11.09 1.32 10.28
N ILE A 70 12.28 1.31 10.87
CA ILE A 70 13.38 0.51 10.32
C ILE A 70 13.26 -0.90 10.89
N ILE A 71 13.45 -1.91 10.04
CA ILE A 71 13.41 -3.33 10.43
C ILE A 71 14.78 -3.89 10.10
N TYR A 72 15.40 -4.57 11.07
CA TYR A 72 16.78 -5.07 10.94
C TYR A 72 16.78 -6.54 10.54
N ARG A 73 17.18 -6.81 9.31
CA ARG A 73 17.06 -8.14 8.75
C ARG A 73 17.90 -9.16 9.53
N ASN A 74 19.14 -8.79 9.87
CA ASN A 74 20.01 -9.77 10.53
C ASN A 74 19.46 -10.22 11.89
N THR A 75 19.01 -9.25 12.70
CA THR A 75 18.66 -9.53 14.09
C THR A 75 17.32 -10.26 14.12
N ILE A 76 16.42 -9.93 13.21
CA ILE A 76 15.14 -10.63 13.03
CA ILE A 76 15.16 -10.66 13.10
C ILE A 76 15.38 -12.08 12.62
N CYS A 77 16.20 -12.26 11.60
CA CYS A 77 16.39 -13.62 11.05
C CYS A 77 17.04 -14.55 12.04
N ALA A 78 17.94 -14.03 12.85
CA ALA A 78 18.63 -14.82 13.88
C ALA A 78 17.66 -15.46 14.85
N LEU A 79 16.49 -14.87 15.04
CA LEU A 79 15.45 -15.40 15.92
C LEU A 79 14.47 -16.38 15.25
N CYS A 80 14.60 -16.60 13.94
CA CYS A 80 13.58 -17.30 13.14
C CYS A 80 14.11 -18.54 12.42
N GLU A 81 13.31 -19.59 12.40
CA GLU A 81 13.69 -20.85 11.77
C GLU A 81 12.92 -21.06 10.47
N THR A 82 11.92 -20.22 10.20
CA THR A 82 11.15 -20.28 8.97
C THR A 82 10.77 -18.87 8.51
N GLU A 83 10.43 -18.75 7.23
CA GLU A 83 9.88 -17.53 6.63
C GLU A 83 8.61 -17.02 7.31
N SER A 84 7.74 -17.95 7.68
CA SER A 84 6.54 -17.58 8.46
C SER A 84 6.90 -16.97 9.81
N GLU A 85 7.92 -17.53 10.48
CA GLU A 85 8.39 -16.95 11.75
C GLU A 85 8.93 -15.55 11.51
N VAL A 86 9.62 -15.36 10.40
CA VAL A 86 10.14 -14.03 10.02
C VAL A 86 8.98 -13.03 9.84
N ILE A 87 7.96 -13.43 9.08
CA ILE A 87 6.78 -12.60 8.87
C ILE A 87 6.18 -12.16 10.21
N ASP A 88 5.99 -13.15 11.09
CA ASP A 88 5.42 -12.91 12.43
C ASP A 88 6.25 -11.95 13.25
N GLU A 89 7.55 -12.17 13.22
CA GLU A 89 8.47 -11.37 13.97
C GLU A 89 8.53 -9.95 13.44
N VAL A 90 8.57 -9.81 12.13
CA VAL A 90 8.48 -8.47 11.52
C VAL A 90 7.17 -7.76 11.89
N ARG A 91 6.05 -8.46 11.78
CA ARG A 91 4.75 -7.89 12.11
C ARG A 91 4.74 -7.43 13.57
N LYS A 92 5.24 -8.30 14.46
CA LYS A 92 5.20 -8.01 15.88
C LYS A 92 6.04 -6.75 16.15
N THR A 93 7.16 -6.64 15.46
CA THR A 93 8.07 -5.51 15.62
C THR A 93 7.46 -4.17 15.18
N VAL A 94 6.87 -4.17 13.99
CA VAL A 94 6.17 -2.98 13.46
C VAL A 94 5.04 -2.56 14.43
N VAL A 95 4.21 -3.52 14.85
CA VAL A 95 3.10 -3.20 15.74
C VAL A 95 3.58 -2.65 17.11
N HIS A 96 4.61 -3.25 17.67
CA HIS A 96 5.21 -2.66 18.87
C HIS A 96 5.77 -1.28 18.67
N GLU A 97 6.43 -1.06 17.55
CA GLU A 97 7.05 0.22 17.30
C GLU A 97 5.98 1.28 17.13
N ILE A 98 4.92 0.99 16.40
CA ILE A 98 3.87 1.98 16.21
C ILE A 98 3.10 2.24 17.51
N ALA A 99 2.85 1.17 18.27
CA ALA A 99 2.13 1.29 19.53
C ALA A 99 2.90 2.18 20.53
N HIS A 100 4.21 1.95 20.62
CA HIS A 100 5.06 2.68 21.54
C HIS A 100 5.18 4.14 21.12
N HIS A 101 5.18 4.40 19.81
CA HIS A 101 5.22 5.76 19.30
C HIS A 101 4.02 6.58 19.77
N PHE A 102 2.87 5.91 19.92
CA PHE A 102 1.65 6.57 20.38
C PHE A 102 1.39 6.24 21.85
N GLY A 103 2.45 5.93 22.58
CA GLY A 103 2.40 5.81 24.02
C GLY A 103 1.59 4.66 24.57
N ILE A 104 1.41 3.61 23.78
CA ILE A 104 0.72 2.39 24.19
C ILE A 104 1.78 1.35 24.57
N ASP A 105 1.70 0.87 25.81
CA ASP A 105 2.70 -0.04 26.35
C ASP A 105 2.33 -1.48 26.12
N ASP A 106 3.25 -2.36 26.51
CA ASP A 106 3.12 -3.78 26.20
C ASP A 106 1.97 -4.46 26.96
N GLU A 107 1.58 -3.92 28.11
CA GLU A 107 0.45 -4.47 28.85
C GLU A 107 -0.83 -4.22 28.08
N ARG A 108 -0.97 -3.01 27.53
CA ARG A 108 -2.09 -2.66 26.67
C ARG A 108 -2.07 -3.46 25.37
N LEU A 109 -0.88 -3.67 24.81
CA LEU A 109 -0.70 -4.48 23.61
C LEU A 109 -1.07 -5.94 23.82
N HIS A 110 -0.80 -6.47 25.00
CA HIS A 110 -1.18 -7.83 25.31
C HIS A 110 -2.71 -7.94 25.26
N GLU A 111 -3.38 -6.87 25.70
CA GLU A 111 -4.83 -6.74 25.51
C GLU A 111 -5.23 -6.53 24.03
N LEU A 112 -4.26 -6.24 23.17
CA LEU A 112 -4.48 -6.12 21.73
C LEU A 112 -3.79 -7.25 20.92
N GLY A 113 -3.41 -8.33 21.62
CA GLY A 113 -2.89 -9.55 20.98
C GLY A 113 -1.40 -9.54 20.68
N TYR A 114 -0.67 -8.55 21.18
CA TYR A 114 0.79 -8.52 21.07
C TYR A 114 1.41 -8.29 22.46
N GLY B 1 11.92 0.46 0.43
CA GLY B 1 10.94 0.56 1.55
C GLY B 1 9.52 0.46 1.07
N VAL B 3 5.43 2.06 2.02
CA VAL B 3 4.57 2.97 2.82
C VAL B 3 3.26 2.28 3.18
N TYR B 4 2.79 2.49 4.41
CA TYR B 4 1.52 1.94 4.82
C TYR B 4 0.46 3.00 4.64
N VAL B 5 -0.69 2.62 4.12
CA VAL B 5 -1.79 3.55 3.95
C VAL B 5 -3.09 2.89 4.42
N ASP B 6 -3.67 3.45 5.48
CA ASP B 6 -4.89 2.90 6.02
C ASP B 6 -6.02 3.09 5.03
N PRO B 7 -7.07 2.28 5.14
CA PRO B 7 -8.13 2.32 4.13
C PRO B 7 -8.78 3.70 3.87
N ASP B 8 -9.12 4.45 4.92
CA ASP B 8 -9.71 5.79 4.73
C ASP B 8 -8.77 6.73 3.96
N ARG B 9 -7.49 6.74 4.35
CA ARG B 9 -6.53 7.61 3.69
C ARG B 9 -6.34 7.15 2.26
N PHE B 10 -6.31 5.84 2.05
CA PHE B 10 -6.11 5.35 0.69
C PHE B 10 -7.26 5.82 -0.22
N ASP B 11 -8.50 5.81 0.27
CA ASP B 11 -9.62 6.36 -0.53
C ASP B 11 -9.41 7.82 -0.91
N GLU B 12 -8.91 8.61 0.02
CA GLU B 12 -8.51 10.00 -0.27
C GLU B 12 -7.45 10.11 -1.36
N LEU B 13 -6.46 9.21 -1.34
CA LEU B 13 -5.40 9.17 -2.35
C LEU B 13 -5.96 8.72 -3.70
N VAL B 14 -6.92 7.79 -3.69
CA VAL B 14 -7.63 7.40 -4.93
C VAL B 14 -8.35 8.64 -5.54
N ALA B 15 -9.02 9.42 -4.69
CA ALA B 15 -9.63 10.67 -5.17
C ALA B 15 -8.64 11.60 -5.82
N GLU B 16 -7.49 11.83 -5.17
CA GLU B 16 -6.49 12.69 -5.79
CA GLU B 16 -6.41 12.64 -5.74
C GLU B 16 -5.95 12.03 -7.07
N ALA B 17 -5.86 10.70 -7.11
CA ALA B 17 -5.43 10.05 -8.34
C ALA B 17 -6.40 10.35 -9.48
N LEU B 18 -7.68 10.17 -9.20
CA LEU B 18 -8.74 10.41 -10.20
C LEU B 18 -8.76 11.84 -10.66
N ASP B 19 -8.75 12.77 -9.71
CA ASP B 19 -8.74 14.20 -10.00
C ASP B 19 -7.58 14.60 -10.94
N GLY B 20 -6.46 13.88 -10.87
CA GLY B 20 -5.32 14.13 -11.77
C GLY B 20 -5.21 13.35 -13.07
N ILE B 21 -6.16 12.48 -13.37
CA ILE B 21 -6.17 11.78 -14.64
C ILE B 21 -6.27 12.84 -15.73
N PRO B 22 -5.32 12.83 -16.68
CA PRO B 22 -5.38 13.83 -17.74
C PRO B 22 -6.70 13.83 -18.50
N GLU B 23 -7.03 15.01 -19.02
CA GLU B 23 -8.29 15.29 -19.68
CA GLU B 23 -8.35 15.23 -19.65
C GLU B 23 -8.52 14.40 -20.92
N GLU B 24 -7.44 13.93 -21.55
CA GLU B 24 -7.58 13.03 -22.70
C GLU B 24 -8.24 11.66 -22.36
N PHE B 25 -8.21 11.26 -21.09
CA PHE B 25 -8.86 10.02 -20.63
C PHE B 25 -10.20 10.23 -19.96
N ALA B 26 -10.63 11.48 -19.84
CA ALA B 26 -11.80 11.81 -19.03
C ALA B 26 -13.08 11.21 -19.61
N ARG B 27 -13.33 11.42 -20.90
CA ARG B 27 -14.54 10.87 -21.53
C ARG B 27 -14.53 9.34 -21.42
N ALA B 28 -13.37 8.72 -21.61
CA ALA B 28 -13.26 7.28 -21.54
C ALA B 28 -13.63 6.74 -20.15
N ARG B 30 -16.01 7.90 -18.34
CA ARG B 30 -17.42 8.20 -18.06
C ARG B 30 -18.16 7.00 -17.47
N ASN B 31 -18.84 7.24 -16.35
CA ASN B 31 -19.64 6.23 -15.65
C ASN B 31 -18.81 4.96 -15.30
N VAL B 32 -17.60 5.20 -14.85
CA VAL B 32 -16.72 4.15 -14.34
C VAL B 32 -16.48 4.51 -12.88
N ALA B 33 -16.68 3.54 -11.98
CA ALA B 33 -16.42 3.75 -10.57
C ALA B 33 -15.17 2.98 -10.14
N VAL B 34 -14.37 3.62 -9.29
CA VAL B 34 -13.17 3.02 -8.71
C VAL B 34 -13.45 2.59 -7.26
N PHE B 35 -13.28 1.31 -7.01
CA PHE B 35 -13.46 0.67 -5.73
C PHE B 35 -12.13 0.10 -5.27
N VAL B 36 -11.88 0.17 -3.98
CA VAL B 36 -10.63 -0.31 -3.45
C VAL B 36 -10.85 -1.66 -2.74
N GLU B 37 -10.01 -2.65 -3.05
CA GLU B 37 -9.92 -3.88 -2.22
C GLU B 37 -8.51 -4.00 -1.67
N ASP B 38 -8.33 -4.90 -0.74
CA ASP B 38 -7.02 -5.06 -0.14
C ASP B 38 -6.09 -5.88 -1.06
N GLU B 39 -6.56 -7.06 -1.47
N GLU B 39 -6.62 -6.99 -1.57
CA GLU B 39 -5.71 -8.08 -2.05
CA GLU B 39 -5.83 -8.12 -2.02
C GLU B 39 -6.42 -8.79 -3.23
C GLU B 39 -6.45 -8.84 -3.23
N PRO B 40 -5.71 -8.98 -4.35
CA PRO B 40 -6.23 -9.70 -5.51
C PRO B 40 -5.99 -11.20 -5.37
N ASP B 41 -6.75 -12.02 -6.09
CA ASP B 41 -6.49 -13.47 -6.14
C ASP B 41 -5.21 -13.79 -6.86
N ASP B 42 -4.98 -13.06 -7.96
CA ASP B 42 -3.74 -13.12 -8.72
C ASP B 42 -2.78 -12.11 -8.10
N PRO B 43 -1.70 -12.58 -7.48
CA PRO B 43 -0.80 -11.68 -6.75
C PRO B 43 -0.14 -10.59 -7.59
N GLU B 44 -0.18 -10.71 -8.91
CA GLU B 44 0.44 -9.73 -9.81
C GLU B 44 -0.37 -8.44 -9.92
N LEU B 45 -1.68 -8.55 -9.75
CA LEU B 45 -2.57 -7.45 -10.11
C LEU B 45 -2.54 -6.23 -9.20
N LEU B 46 -2.47 -5.06 -9.82
CA LEU B 46 -2.68 -3.77 -9.16
C LEU B 46 -4.10 -3.29 -9.34
N GLY B 47 -4.76 -3.75 -10.40
CA GLY B 47 -6.15 -3.36 -10.64
C GLY B 47 -6.87 -4.36 -11.53
N LEU B 48 -8.16 -4.13 -11.71
CA LEU B 48 -9.00 -5.04 -12.49
C LEU B 48 -10.26 -4.35 -12.97
N TYR B 49 -10.56 -4.47 -14.26
CA TYR B 49 -11.76 -3.89 -14.84
C TYR B 49 -12.88 -4.90 -14.79
N VAL B 50 -14.00 -4.50 -14.22
CA VAL B 50 -15.19 -5.35 -14.15
C VAL B 50 -16.36 -4.65 -14.80
N GLY B 51 -16.84 -5.22 -15.91
CA GLY B 51 -17.89 -4.60 -16.69
C GLY B 51 -19.22 -5.18 -16.26
N ILE B 52 -20.25 -4.34 -16.28
CA ILE B 52 -21.58 -4.79 -15.91
CA ILE B 52 -21.61 -4.76 -15.92
C ILE B 52 -22.45 -4.87 -17.18
N PRO B 53 -23.14 -6.00 -17.36
CA PRO B 53 -24.03 -6.19 -18.51
C PRO B 53 -25.10 -5.11 -18.67
N LEU B 54 -25.49 -4.84 -19.92
CA LEU B 54 -26.47 -3.79 -20.21
C LEU B 54 -27.78 -4.05 -19.44
N THR B 55 -28.21 -5.31 -19.41
CA THR B 55 -29.43 -5.69 -18.74
C THR B 55 -29.36 -5.62 -17.22
N GLU B 56 -28.16 -5.65 -16.63
CA GLU B 56 -28.00 -5.49 -15.18
C GLU B 56 -27.77 -4.05 -14.74
N ARG B 57 -27.36 -3.20 -15.66
CA ARG B 57 -26.95 -1.87 -15.25
C ARG B 57 -28.06 -0.84 -15.31
N THR B 58 -29.13 -1.18 -16.02
CA THR B 58 -30.20 -0.27 -16.38
C THR B 58 -31.29 -0.33 -15.31
N THR B 59 -30.95 0.10 -14.09
CA THR B 59 -31.92 0.04 -12.99
C THR B 59 -33.07 1.04 -13.15
N ALA B 60 -34.16 0.76 -12.45
CA ALA B 60 -35.37 1.61 -12.47
C ALA B 60 -35.25 2.87 -11.61
N TYR B 61 -34.61 2.75 -10.46
CA TYR B 61 -34.58 3.85 -9.48
C TYR B 61 -33.19 4.38 -9.10
N GLY B 62 -32.14 3.74 -9.59
CA GLY B 62 -30.76 4.15 -9.31
C GLY B 62 -29.96 4.44 -10.56
N GLY B 63 -30.64 4.70 -11.68
CA GLY B 63 -30.00 5.09 -12.94
C GLY B 63 -29.22 3.96 -13.56
N VAL B 64 -28.23 4.32 -14.40
CA VAL B 64 -27.41 3.37 -15.11
C VAL B 64 -26.14 3.17 -14.27
N LEU B 65 -25.99 1.98 -13.71
CA LEU B 65 -24.89 1.67 -12.81
C LEU B 65 -23.56 1.74 -13.54
N PRO B 66 -22.48 2.05 -12.83
CA PRO B 66 -21.19 2.17 -13.52
C PRO B 66 -20.44 0.84 -13.66
N ASP B 67 -19.58 0.75 -14.68
CA ASP B 67 -18.56 -0.28 -14.71
C ASP B 67 -17.58 0.03 -13.57
N ARG B 68 -16.78 -0.94 -13.18
CA ARG B 68 -15.86 -0.74 -12.05
C ARG B 68 -14.45 -1.01 -12.46
N ILE B 69 -13.55 -0.22 -11.89
CA ILE B 69 -12.14 -0.55 -11.81
C ILE B 69 -11.84 -0.77 -10.31
N ILE B 70 -11.38 -1.97 -9.99
CA ILE B 70 -10.96 -2.37 -8.65
C ILE B 70 -9.48 -2.07 -8.57
N ILE B 71 -9.08 -1.38 -7.51
CA ILE B 71 -7.68 -1.06 -7.20
C ILE B 71 -7.31 -1.85 -5.92
N TYR B 72 -6.13 -2.49 -5.93
CA TYR B 72 -5.67 -3.32 -4.80
C TYR B 72 -4.66 -2.58 -3.94
N ARG B 73 -5.07 -2.25 -2.73
CA ARG B 73 -4.22 -1.49 -1.80
C ARG B 73 -2.89 -2.16 -1.51
N ASN B 74 -2.92 -3.46 -1.24
CA ASN B 74 -1.73 -4.14 -0.76
C ASN B 74 -0.63 -4.14 -1.83
N THR B 75 -1.01 -4.42 -3.06
CA THR B 75 -0.06 -4.56 -4.16
C THR B 75 0.48 -3.22 -4.63
N ILE B 76 -0.39 -2.21 -4.64
CA ILE B 76 -0.03 -0.83 -4.95
C ILE B 76 0.97 -0.30 -3.91
N CYS B 77 0.64 -0.46 -2.62
CA CYS B 77 1.48 0.11 -1.56
C CYS B 77 2.85 -0.53 -1.53
N ALA B 78 2.91 -1.81 -1.87
CA ALA B 78 4.18 -2.52 -1.88
C ALA B 78 5.20 -1.85 -2.83
N LEU B 79 4.72 -1.18 -3.87
CA LEU B 79 5.60 -0.56 -4.87
C LEU B 79 6.00 0.84 -4.52
N CYS B 80 5.47 1.37 -3.40
CA CYS B 80 5.53 2.80 -3.10
C CYS B 80 6.15 3.12 -1.73
N GLU B 81 6.90 4.22 -1.67
CA GLU B 81 7.58 4.65 -0.43
C GLU B 81 7.02 5.95 0.15
N THR B 82 6.16 6.62 -0.62
CA THR B 82 5.46 7.82 -0.16
C THR B 82 3.99 7.83 -0.66
N GLU B 83 3.18 8.65 -0.02
CA GLU B 83 1.81 8.86 -0.42
C GLU B 83 1.72 9.38 -1.86
N SER B 84 2.63 10.28 -2.24
CA SER B 84 2.73 10.77 -3.62
C SER B 84 2.97 9.65 -4.64
N GLU B 85 3.89 8.73 -4.33
CA GLU B 85 4.08 7.55 -5.21
C GLU B 85 2.80 6.72 -5.30
N VAL B 86 2.11 6.57 -4.17
CA VAL B 86 0.83 5.84 -4.14
C VAL B 86 -0.17 6.47 -5.09
N ILE B 87 -0.34 7.79 -4.97
CA ILE B 87 -1.20 8.53 -5.90
C ILE B 87 -0.82 8.25 -7.39
N ASP B 88 0.46 8.39 -7.70
CA ASP B 88 0.93 8.13 -9.06
C ASP B 88 0.63 6.71 -9.56
N GLU B 89 0.82 5.72 -8.68
CA GLU B 89 0.65 4.36 -9.07
C GLU B 89 -0.82 4.03 -9.26
N VAL B 90 -1.65 4.56 -8.37
CA VAL B 90 -3.11 4.37 -8.51
C VAL B 90 -3.56 5.03 -9.85
N ARG B 91 -3.10 6.27 -10.11
CA ARG B 91 -3.44 6.96 -11.35
C ARG B 91 -3.01 6.18 -12.60
N LYS B 92 -1.78 5.69 -12.60
CA LYS B 92 -1.29 4.84 -13.67
C LYS B 92 -2.13 3.57 -13.87
N THR B 93 -2.47 2.91 -12.78
CA THR B 93 -3.28 1.69 -12.82
C THR B 93 -4.67 1.96 -13.41
N VAL B 94 -5.33 2.99 -12.94
CA VAL B 94 -6.65 3.33 -13.47
C VAL B 94 -6.55 3.66 -14.94
N VAL B 95 -5.53 4.43 -15.33
CA VAL B 95 -5.36 4.79 -16.77
C VAL B 95 -5.10 3.51 -17.59
N HIS B 96 -4.23 2.64 -17.08
CA HIS B 96 -3.96 1.40 -17.79
CA HIS B 96 -3.96 1.33 -17.69
C HIS B 96 -5.25 0.59 -17.98
N GLU B 97 -6.06 0.48 -16.94
CA GLU B 97 -7.26 -0.34 -17.05
C GLU B 97 -8.27 0.25 -18.00
N ILE B 98 -8.47 1.57 -17.99
CA ILE B 98 -9.45 2.15 -18.89
C ILE B 98 -8.96 2.07 -20.37
N ALA B 99 -7.66 2.28 -20.58
CA ALA B 99 -7.04 2.16 -21.89
C ALA B 99 -7.14 0.74 -22.46
N HIS B 100 -6.79 -0.26 -21.65
CA HIS B 100 -6.91 -1.65 -22.06
C HIS B 100 -8.36 -1.99 -22.40
N HIS B 101 -9.28 -1.46 -21.61
CA HIS B 101 -10.70 -1.74 -21.80
C HIS B 101 -11.15 -1.30 -23.21
N PHE B 102 -10.60 -0.18 -23.68
CA PHE B 102 -10.90 0.31 -25.01
C PHE B 102 -9.88 -0.09 -26.07
N GLY B 103 -9.16 -1.17 -25.79
CA GLY B 103 -8.29 -1.85 -26.75
C GLY B 103 -6.93 -1.25 -27.00
N ILE B 104 -6.49 -0.34 -26.13
CA ILE B 104 -5.18 0.25 -26.27
C ILE B 104 -4.19 -0.62 -25.49
N ASP B 105 -3.15 -1.08 -26.16
CA ASP B 105 -2.19 -1.97 -25.53
C ASP B 105 -1.06 -1.17 -24.88
N ASP B 106 -0.24 -1.87 -24.11
CA ASP B 106 0.77 -1.19 -23.28
C ASP B 106 1.80 -0.37 -24.07
N GLU B 107 2.22 -0.84 -25.23
CA GLU B 107 3.15 -0.06 -26.05
C GLU B 107 2.54 1.29 -26.47
N ARG B 108 1.27 1.31 -26.82
CA ARG B 108 0.61 2.59 -27.15
C ARG B 108 0.51 3.46 -25.92
N LEU B 109 0.05 2.85 -24.83
CA LEU B 109 0.03 3.50 -23.52
C LEU B 109 1.37 4.13 -23.16
N HIS B 110 2.47 3.52 -23.58
CA HIS B 110 3.79 4.14 -23.36
C HIS B 110 3.93 5.45 -24.15
N GLU B 111 3.44 5.47 -25.40
CA GLU B 111 3.40 6.72 -26.19
C GLU B 111 2.71 7.87 -25.42
N LEU B 112 1.63 7.53 -24.73
CA LEU B 112 0.87 8.48 -23.91
C LEU B 112 1.49 8.78 -22.55
N GLY B 113 2.63 8.14 -22.27
CA GLY B 113 3.42 8.44 -21.09
C GLY B 113 2.99 7.64 -19.88
N TYR B 114 2.26 6.55 -20.12
CA TYR B 114 1.73 5.68 -19.07
C TYR B 114 2.24 4.24 -19.28
#